data_1KI3
#
_entry.id   1KI3
#
_cell.length_a   113.800
_cell.length_b   117.700
_cell.length_c   108.600
_cell.angle_alpha   90.00
_cell.angle_beta   90.00
_cell.angle_gamma   90.00
#
_symmetry.space_group_name_H-M   'C 2 2 21'
#
loop_
_entity.id
_entity.type
_entity.pdbx_description
1 polymer 'THYMIDINE KINASE'
2 non-polymer 'SULFATE ION'
3 non-polymer 9-(4-HYDROXY-3-(HYDROXYMETHYL)BUT-1-YL)GUANINE
4 water water
#
_entity_poly.entity_id   1
_entity_poly.type   'polypeptide(L)'
_entity_poly.pdbx_seq_one_letter_code
;MPTLLRVYIDGPHGMGKTTTTQLLVALGSRDDIVYVPEPMTYWRVLGASETIANIYTTQHRLDQGEISAGDAAVVMTSAQ
ITMGMPYAVTDAVLAPHIGGEAGSSHAPPPALTLIFDRHPIAALLCYPAARYLMGSMTPQAVLAFVALIPPTLPGTNIVL
GALPEDRHIDRLAKRQRPGERLDLAMLAAIRRVYGLLANTVRYLQCGGSWREDWGQLSGTAVPPQGAEPQSNAGPRPHIG
DTLFTLFRAPELLAPNGDLYNVFAWALDVLAKRLRSMHVFILDYDQSPAGCRDALLQLTSGMVQTHVTTPGSIPTICDLA
RTFAREMGEAN
;
_entity_poly.pdbx_strand_id   A,B
#
# COMPACT_ATOMS: atom_id res chain seq x y z
N MET A 1 -6.99 -13.84 -26.66
CA MET A 1 -6.65 -12.39 -26.71
C MET A 1 -5.19 -12.27 -27.11
N PRO A 2 -4.75 -11.07 -27.57
CA PRO A 2 -3.34 -10.93 -27.95
C PRO A 2 -2.51 -11.01 -26.68
N THR A 3 -1.22 -11.22 -26.85
CA THR A 3 -0.36 -11.33 -25.71
C THR A 3 0.36 -10.05 -25.43
N LEU A 4 0.91 -9.94 -24.24
CA LEU A 4 1.66 -8.76 -23.86
C LEU A 4 2.90 -9.27 -23.20
N LEU A 5 3.96 -8.49 -23.28
CA LEU A 5 5.21 -8.85 -22.65
C LEU A 5 5.66 -7.62 -21.87
N ARG A 6 5.66 -7.75 -20.54
CA ARG A 6 6.05 -6.66 -19.63
C ARG A 6 7.42 -6.96 -19.04
N VAL A 7 8.30 -5.97 -19.07
CA VAL A 7 9.63 -6.13 -18.52
C VAL A 7 9.84 -4.95 -17.60
N TYR A 8 10.36 -5.22 -16.42
CA TYR A 8 10.63 -4.18 -15.45
C TYR A 8 12.14 -4.15 -15.31
N ILE A 9 12.79 -3.18 -15.95
CA ILE A 9 14.25 -3.07 -15.85
C ILE A 9 14.57 -2.50 -14.46
N ASP A 10 14.99 -3.37 -13.54
CA ASP A 10 15.30 -2.96 -12.17
C ASP A 10 16.77 -3.03 -11.78
N GLY A 11 17.05 -3.08 -10.48
CA GLY A 11 18.41 -3.16 -10.03
C GLY A 11 18.79 -1.86 -9.36
N PRO A 12 20.03 -1.72 -8.84
CA PRO A 12 20.47 -0.49 -8.17
C PRO A 12 20.70 0.61 -9.20
N HIS A 13 20.45 1.86 -8.80
CA HIS A 13 20.66 3.00 -9.68
C HIS A 13 22.14 3.25 -9.91
N GLY A 14 22.47 4.01 -10.95
CA GLY A 14 23.86 4.31 -11.26
C GLY A 14 24.56 3.16 -11.96
N MET A 15 23.81 2.32 -12.67
CA MET A 15 24.36 1.18 -13.41
C MET A 15 24.20 1.28 -14.92
N GLY A 16 23.11 1.93 -15.39
CA GLY A 16 22.87 2.07 -16.83
C GLY A 16 21.55 1.58 -17.41
N LYS A 17 20.60 1.16 -16.56
CA LYS A 17 19.30 0.66 -17.03
C LYS A 17 18.73 1.68 -18.00
N THR A 18 18.50 2.86 -17.44
CA THR A 18 17.96 4.00 -18.15
C THR A 18 18.65 4.17 -19.49
N THR A 19 19.99 4.20 -19.46
CA THR A 19 20.80 4.35 -20.65
C THR A 19 20.56 3.25 -21.64
N THR A 20 20.57 2.01 -21.17
CA THR A 20 20.38 0.87 -22.06
C THR A 20 18.94 0.66 -22.53
N THR A 21 17.99 1.04 -21.70
CA THR A 21 16.58 0.87 -22.04
C THR A 21 16.06 1.76 -23.20
N GLN A 22 16.43 3.04 -23.21
CA GLN A 22 16.02 3.99 -24.27
C GLN A 22 16.55 3.54 -25.65
N LEU A 23 17.78 3.04 -25.64
CA LEU A 23 18.45 2.56 -26.81
C LEU A 23 17.67 1.53 -27.59
N LEU A 24 17.04 0.59 -26.86
CA LEU A 24 16.21 -0.48 -27.46
C LEU A 24 15.04 0.13 -28.21
N VAL A 25 14.45 1.13 -27.56
CA VAL A 25 13.29 1.81 -28.08
C VAL A 25 13.64 2.76 -29.23
N ALA A 26 14.91 3.18 -29.32
CA ALA A 26 15.28 4.10 -30.40
C ALA A 26 16.60 3.73 -31.14
N LEU A 27 16.58 2.68 -31.85
N ASP A 32 4.99 -2.12 -31.26
CA ASP A 32 5.45 -3.30 -30.46
C ASP A 32 6.07 -3.00 -29.09
N ILE A 33 7.08 -2.11 -29.02
CA ILE A 33 7.74 -1.78 -27.74
C ILE A 33 7.53 -0.35 -27.25
N VAL A 34 6.94 -0.21 -26.06
CA VAL A 34 6.75 1.10 -25.43
C VAL A 34 7.72 1.16 -24.26
N TYR A 35 7.87 2.34 -23.67
CA TYR A 35 8.80 2.53 -22.57
C TYR A 35 8.17 3.45 -21.55
N VAL A 36 7.96 2.97 -20.32
CA VAL A 36 7.39 3.80 -19.27
C VAL A 36 8.58 4.19 -18.39
N PRO A 37 9.14 5.39 -18.61
CA PRO A 37 10.30 6.03 -17.95
C PRO A 37 10.20 6.29 -16.45
N GLU A 38 11.16 7.03 -15.90
CA GLU A 38 11.19 7.41 -14.49
C GLU A 38 10.24 8.58 -14.27
N PRO A 39 9.34 8.50 -13.28
CA PRO A 39 8.41 9.61 -13.04
C PRO A 39 9.15 10.83 -12.44
N MET A 40 10.24 11.26 -13.07
CA MET A 40 10.99 12.36 -12.49
C MET A 40 10.18 13.62 -12.22
N THR A 41 9.25 13.97 -13.12
CA THR A 41 8.46 15.19 -12.91
C THR A 41 7.57 15.06 -11.70
N TYR A 42 7.26 13.82 -11.36
CA TYR A 42 6.42 13.56 -10.21
C TYR A 42 7.23 13.71 -8.91
N TRP A 43 8.46 13.22 -8.90
CA TRP A 43 9.34 13.31 -7.72
C TRP A 43 9.83 14.76 -7.43
N ARG A 44 10.04 15.50 -8.51
CA ARG A 44 10.51 16.89 -8.49
C ARG A 44 9.41 17.93 -8.31
N VAL A 45 8.33 17.75 -9.04
CA VAL A 45 7.24 18.69 -9.06
C VAL A 45 5.88 18.23 -8.59
N LEU A 46 5.22 17.39 -9.40
CA LEU A 46 3.84 16.93 -9.15
C LEU A 46 3.40 16.37 -7.78
N GLY A 47 4.11 15.38 -7.25
CA GLY A 47 3.74 14.78 -5.96
C GLY A 47 4.18 15.62 -4.78
N ALA A 48 5.38 16.17 -4.87
CA ALA A 48 5.96 17.01 -3.84
C ALA A 48 7.14 17.69 -4.50
N SER A 49 7.95 18.43 -3.74
CA SER A 49 9.08 19.13 -4.33
C SER A 49 10.43 18.50 -4.21
N GLU A 50 11.08 18.30 -5.36
CA GLU A 50 12.41 17.73 -5.43
C GLU A 50 12.69 16.61 -4.46
N THR A 51 11.71 15.76 -4.25
CA THR A 51 11.85 14.66 -3.31
C THR A 51 13.26 14.08 -3.16
N ILE A 52 13.92 13.75 -4.26
CA ILE A 52 15.25 13.14 -4.16
C ILE A 52 16.24 13.97 -3.34
N ALA A 53 16.38 15.25 -3.64
CA ALA A 53 17.27 16.11 -2.88
C ALA A 53 16.90 16.04 -1.39
N ASN A 54 15.64 15.73 -1.12
CA ASN A 54 15.16 15.63 0.24
C ASN A 54 15.66 14.33 0.85
N ILE A 55 15.52 13.25 0.10
CA ILE A 55 15.96 11.94 0.58
C ILE A 55 17.45 12.00 0.89
N TYR A 56 18.22 12.55 -0.02
CA TYR A 56 19.65 12.64 0.17
C TYR A 56 20.13 13.62 1.26
N THR A 57 19.50 14.78 1.34
CA THR A 57 19.84 15.77 2.36
C THR A 57 19.64 15.15 3.73
N THR A 58 18.42 14.67 3.99
CA THR A 58 18.08 14.05 5.25
C THR A 58 19.14 13.02 5.64
N GLN A 59 19.43 12.09 4.73
CA GLN A 59 20.44 11.07 5.01
C GLN A 59 21.69 11.79 5.40
N HIS A 60 22.00 12.86 4.66
CA HIS A 60 23.18 13.66 4.94
C HIS A 60 23.10 14.20 6.35
N ARG A 61 22.15 15.08 6.63
CA ARG A 61 22.02 15.63 7.97
C ARG A 61 22.16 14.59 9.09
N LEU A 62 21.59 13.41 8.86
CA LEU A 62 21.68 12.34 9.83
C LEU A 62 23.17 12.03 9.95
N ASP A 63 23.78 11.60 8.84
CA ASP A 63 25.20 11.28 8.85
C ASP A 63 25.99 12.41 9.51
N GLN A 64 25.75 13.64 9.08
CA GLN A 64 26.45 14.79 9.66
C GLN A 64 25.83 15.26 10.99
N GLY A 65 25.48 14.29 11.83
CA GLY A 65 24.89 14.54 13.15
C GLY A 65 24.13 15.83 13.40
N GLU A 66 23.44 16.31 12.40
CA GLU A 66 22.69 17.53 12.59
C GLU A 66 21.22 17.26 12.87
N ILE A 67 20.80 16.00 12.67
CA ILE A 67 19.41 15.61 12.91
C ILE A 67 19.43 14.24 13.59
N SER A 68 18.27 13.74 14.03
CA SER A 68 18.21 12.46 14.76
C SER A 68 17.59 11.32 13.97
N ALA A 69 18.03 10.09 14.25
CA ALA A 69 17.52 8.88 13.55
C ALA A 69 16.01 8.91 13.50
N GLY A 70 15.41 9.44 14.56
CA GLY A 70 13.98 9.57 14.61
C GLY A 70 13.55 10.49 13.48
N ASP A 71 13.99 11.74 13.55
CA ASP A 71 13.71 12.78 12.54
C ASP A 71 14.02 12.34 11.11
N ALA A 72 15.10 11.60 10.95
CA ALA A 72 15.44 11.12 9.61
C ALA A 72 14.34 10.16 9.18
N ALA A 73 14.17 9.11 9.99
CA ALA A 73 13.19 8.06 9.78
C ALA A 73 11.87 8.62 9.36
N VAL A 74 11.39 9.61 10.11
CA VAL A 74 10.11 10.20 9.83
C VAL A 74 10.01 10.81 8.45
N VAL A 75 11.00 11.61 8.06
CA VAL A 75 10.97 12.24 6.76
C VAL A 75 11.30 11.19 5.73
N MET A 76 12.23 10.30 6.08
CA MET A 76 12.62 9.25 5.17
C MET A 76 11.44 8.35 4.82
N THR A 77 10.58 8.09 5.78
CA THR A 77 9.42 7.26 5.52
C THR A 77 8.47 7.93 4.50
N SER A 78 8.04 9.15 4.81
CA SER A 78 7.15 9.88 3.93
C SER A 78 7.58 9.94 2.47
N ALA A 79 8.83 10.30 2.24
CA ALA A 79 9.39 10.41 0.89
C ALA A 79 9.21 9.17 0.06
N GLN A 80 9.48 8.01 0.65
CA GLN A 80 9.31 6.74 -0.05
C GLN A 80 7.89 6.62 -0.56
N ILE A 81 6.93 7.04 0.26
CA ILE A 81 5.52 7.00 -0.12
C ILE A 81 5.38 7.68 -1.47
N THR A 82 6.05 8.83 -1.60
CA THR A 82 6.03 9.64 -2.80
C THR A 82 6.82 9.03 -3.97
N MET A 83 7.94 8.36 -3.69
CA MET A 83 8.74 7.76 -4.75
C MET A 83 8.10 6.56 -5.43
N GLY A 84 7.33 5.80 -4.68
CA GLY A 84 6.69 4.62 -5.22
C GLY A 84 5.35 4.86 -5.82
N MET A 85 4.74 6.01 -5.55
CA MET A 85 3.38 6.38 -6.03
C MET A 85 3.05 5.98 -7.47
N PRO A 86 3.79 6.55 -8.45
CA PRO A 86 3.58 6.26 -9.86
C PRO A 86 3.55 4.77 -10.20
N TYR A 87 4.39 3.99 -9.52
CA TYR A 87 4.51 2.55 -9.74
C TYR A 87 3.23 1.85 -9.34
N ALA A 88 2.71 2.23 -8.17
CA ALA A 88 1.50 1.60 -7.63
C ALA A 88 0.34 1.91 -8.51
N VAL A 89 -0.01 3.19 -8.62
CA VAL A 89 -1.14 3.58 -9.46
C VAL A 89 -1.05 2.87 -10.81
N THR A 90 0.14 2.82 -11.38
CA THR A 90 0.34 2.15 -12.66
C THR A 90 -0.08 0.73 -12.48
N ASP A 91 0.60 0.03 -11.57
CA ASP A 91 0.31 -1.37 -11.36
C ASP A 91 -1.15 -1.63 -11.11
N ALA A 92 -1.79 -0.70 -10.43
CA ALA A 92 -3.19 -0.87 -10.12
C ALA A 92 -4.14 -0.55 -11.27
N VAL A 93 -3.70 0.30 -12.21
CA VAL A 93 -4.54 0.66 -13.36
C VAL A 93 -4.33 -0.34 -14.49
N LEU A 94 -3.18 -0.98 -14.44
CA LEU A 94 -2.78 -2.02 -15.39
C LEU A 94 -3.40 -3.39 -15.03
N ALA A 95 -3.19 -3.83 -13.80
CA ALA A 95 -3.68 -5.11 -13.32
C ALA A 95 -4.78 -5.87 -14.07
N PRO A 96 -5.99 -5.29 -14.22
CA PRO A 96 -7.08 -5.98 -14.92
C PRO A 96 -6.89 -6.39 -16.38
N HIS A 97 -5.97 -5.74 -17.07
CA HIS A 97 -5.74 -6.05 -18.46
C HIS A 97 -4.85 -7.27 -18.63
N ILE A 98 -4.29 -7.73 -17.53
CA ILE A 98 -3.38 -8.85 -17.54
C ILE A 98 -4.11 -10.16 -17.45
N GLY A 99 -3.93 -10.98 -18.47
CA GLY A 99 -4.54 -12.29 -18.46
C GLY A 99 -3.46 -13.25 -17.97
N GLY A 100 -3.69 -14.55 -18.15
CA GLY A 100 -2.73 -15.52 -17.67
C GLY A 100 -1.56 -15.72 -18.61
N GLU A 101 -0.52 -16.32 -18.04
CA GLU A 101 0.72 -16.64 -18.74
C GLU A 101 0.38 -17.47 -19.96
N ALA A 102 0.75 -16.95 -21.13
CA ALA A 102 0.48 -17.62 -22.38
C ALA A 102 1.66 -18.53 -22.71
N GLY A 103 1.72 -19.70 -22.09
CA GLY A 103 2.83 -20.61 -22.33
C GLY A 103 4.03 -19.81 -21.85
N SER A 104 4.83 -19.31 -22.79
CA SER A 104 6.01 -18.48 -22.49
C SER A 104 5.69 -17.00 -22.85
N SER A 105 6.61 -16.16 -22.86
N ALA A 107 3.57 -17.41 -25.49
CA ALA A 107 3.09 -17.54 -26.90
C ALA A 107 3.47 -16.24 -27.59
N PRO A 108 4.41 -16.31 -28.55
CA PRO A 108 4.88 -15.14 -29.30
C PRO A 108 4.49 -15.12 -30.79
N PRO A 109 4.73 -13.99 -31.49
CA PRO A 109 5.32 -12.74 -30.98
C PRO A 109 4.23 -11.90 -30.24
N PRO A 110 4.54 -11.39 -29.04
CA PRO A 110 3.56 -10.60 -28.28
C PRO A 110 3.04 -9.43 -29.10
N ALA A 111 1.76 -9.11 -28.95
CA ALA A 111 1.21 -7.99 -29.69
C ALA A 111 1.78 -6.65 -29.22
N LEU A 112 2.36 -6.61 -28.01
CA LEU A 112 2.94 -5.39 -27.43
C LEU A 112 3.95 -5.71 -26.32
N THR A 113 5.10 -5.03 -26.29
CA THR A 113 6.13 -5.21 -25.24
C THR A 113 6.21 -3.94 -24.39
N LEU A 114 5.96 -4.05 -23.09
CA LEU A 114 6.02 -2.86 -22.26
C LEU A 114 7.31 -2.86 -21.46
N ILE A 115 8.11 -1.81 -21.59
CA ILE A 115 9.31 -1.72 -20.79
C ILE A 115 9.06 -0.67 -19.71
N PHE A 116 9.19 -1.12 -18.46
CA PHE A 116 8.97 -0.28 -17.30
C PHE A 116 10.29 0.04 -16.72
N ASP A 117 10.39 1.24 -16.19
CA ASP A 117 11.61 1.70 -15.55
C ASP A 117 11.45 1.51 -14.04
N ARG A 118 11.67 0.28 -13.58
CA ARG A 118 11.53 -0.12 -12.16
C ARG A 118 10.14 -0.74 -11.81
N HIS A 119 10.10 -1.50 -10.71
CA HIS A 119 8.88 -2.20 -10.27
C HIS A 119 8.49 -1.67 -8.89
N PRO A 120 7.20 -1.81 -8.52
CA PRO A 120 6.67 -1.36 -7.25
C PRO A 120 7.54 -1.78 -6.11
N ILE A 121 8.23 -2.91 -6.27
CA ILE A 121 9.09 -3.39 -5.22
C ILE A 121 10.28 -2.48 -5.03
N ALA A 122 10.74 -1.79 -6.06
CA ALA A 122 11.90 -0.91 -5.80
C ALA A 122 11.56 0.11 -4.72
N ALA A 123 10.31 0.54 -4.73
CA ALA A 123 9.86 1.54 -3.77
C ALA A 123 9.10 0.94 -2.60
N LEU A 124 8.58 -0.27 -2.75
CA LEU A 124 7.84 -0.91 -1.68
C LEU A 124 8.64 -1.93 -0.85
N LEU A 125 9.83 -2.29 -1.34
CA LEU A 125 10.66 -3.27 -0.67
C LEU A 125 12.14 -2.90 -0.70
N CYS A 126 12.73 -2.91 -1.88
CA CYS A 126 14.14 -2.65 -2.04
C CYS A 126 14.72 -1.39 -1.43
N TYR A 127 14.42 -0.21 -1.96
CA TYR A 127 15.01 0.99 -1.35
C TYR A 127 14.70 1.11 0.11
N PRO A 128 13.44 0.89 0.48
CA PRO A 128 13.11 0.99 1.90
C PRO A 128 14.02 0.07 2.73
N ALA A 129 14.31 -1.13 2.24
CA ALA A 129 15.20 -2.06 2.95
C ALA A 129 16.57 -1.42 3.04
N ALA A 130 16.97 -0.78 1.95
CA ALA A 130 18.23 -0.07 1.88
C ALA A 130 18.27 1.05 2.94
N ARG A 131 17.39 2.05 2.86
CA ARG A 131 17.45 3.13 3.86
C ARG A 131 17.44 2.59 5.30
N TYR A 132 16.71 1.50 5.54
CA TYR A 132 16.67 0.91 6.88
C TYR A 132 18.12 0.65 7.28
N LEU A 133 18.82 -0.11 6.44
CA LEU A 133 20.20 -0.45 6.62
C LEU A 133 21.05 0.84 6.79
N MET A 134 20.46 2.01 6.58
CA MET A 134 21.18 3.29 6.72
C MET A 134 20.88 4.04 8.01
N GLY A 135 20.01 3.51 8.85
CA GLY A 135 19.68 4.19 10.09
C GLY A 135 18.65 5.28 9.93
N SER A 136 18.16 5.49 8.70
CA SER A 136 17.17 6.53 8.46
C SER A 136 15.77 6.00 8.27
N MET A 137 15.55 4.71 8.58
CA MET A 137 14.21 4.11 8.45
C MET A 137 13.99 2.79 9.18
N THR A 138 12.97 2.81 10.02
CA THR A 138 12.52 1.72 10.86
C THR A 138 12.18 0.41 10.16
N PRO A 139 12.56 -0.74 10.76
CA PRO A 139 12.22 -2.00 10.08
C PRO A 139 10.71 -2.18 10.06
N GLN A 140 10.02 -1.75 11.13
CA GLN A 140 8.55 -1.86 11.20
C GLN A 140 7.97 -1.16 9.99
N ALA A 141 8.51 0.03 9.69
CA ALA A 141 8.09 0.83 8.55
C ALA A 141 8.31 0.07 7.27
N VAL A 142 9.48 -0.55 7.13
CA VAL A 142 9.78 -1.33 5.92
C VAL A 142 8.76 -2.43 5.70
N LEU A 143 8.27 -3.03 6.78
CA LEU A 143 7.29 -4.09 6.63
C LEU A 143 5.88 -3.57 6.30
N ALA A 144 5.62 -2.31 6.63
CA ALA A 144 4.35 -1.65 6.30
C ALA A 144 4.20 -1.65 4.77
N PHE A 145 5.26 -1.26 4.05
CA PHE A 145 5.24 -1.27 2.60
C PHE A 145 5.27 -2.69 2.05
N VAL A 146 5.99 -3.60 2.71
CA VAL A 146 6.09 -5.00 2.25
C VAL A 146 4.72 -5.65 2.16
N ALA A 147 3.86 -5.26 3.09
CA ALA A 147 2.49 -5.73 3.14
C ALA A 147 1.73 -5.04 2.03
N LEU A 148 1.98 -3.75 1.85
CA LEU A 148 1.31 -3.00 0.79
C LEU A 148 1.69 -3.44 -0.60
N ILE A 149 2.71 -4.30 -0.72
CA ILE A 149 3.14 -4.79 -2.03
C ILE A 149 1.92 -5.40 -2.68
N PRO A 150 1.57 -4.93 -3.89
CA PRO A 150 0.41 -5.45 -4.60
C PRO A 150 0.67 -6.85 -5.11
N PRO A 151 -0.39 -7.66 -5.23
CA PRO A 151 -0.31 -9.03 -5.70
C PRO A 151 0.47 -9.09 -6.98
N THR A 152 1.39 -10.04 -7.07
CA THR A 152 2.20 -10.16 -8.28
C THR A 152 1.36 -10.68 -9.46
N LEU A 153 1.22 -9.87 -10.50
CA LEU A 153 0.45 -10.25 -11.68
C LEU A 153 1.19 -11.32 -12.46
N PRO A 154 0.50 -12.03 -13.36
CA PRO A 154 1.21 -13.06 -14.11
C PRO A 154 2.07 -12.32 -15.13
N GLY A 155 3.05 -13.00 -15.71
CA GLY A 155 3.92 -12.37 -16.70
C GLY A 155 4.80 -11.29 -16.14
N THR A 156 5.21 -11.48 -14.88
CA THR A 156 6.08 -10.54 -14.21
C THR A 156 7.53 -10.96 -14.41
N ASN A 157 8.24 -10.20 -15.24
CA ASN A 157 9.66 -10.42 -15.56
C ASN A 157 10.49 -9.22 -15.06
N ILE A 158 11.46 -9.45 -14.18
CA ILE A 158 12.34 -8.41 -13.64
C ILE A 158 13.79 -8.66 -14.05
N VAL A 159 14.39 -7.63 -14.59
CA VAL A 159 15.77 -7.68 -15.03
C VAL A 159 16.54 -6.89 -14.01
N LEU A 160 17.48 -7.56 -13.36
CA LEU A 160 18.31 -6.93 -12.36
C LEU A 160 19.70 -6.84 -13.00
N GLY A 161 20.53 -5.88 -12.62
CA GLY A 161 21.84 -5.77 -13.24
C GLY A 161 23.08 -6.07 -12.41
N ALA A 162 24.08 -6.67 -13.05
CA ALA A 162 25.37 -6.99 -12.43
C ALA A 162 26.37 -6.04 -13.03
N LEU A 163 27.18 -5.46 -12.16
CA LEU A 163 28.22 -4.50 -12.50
C LEU A 163 29.02 -4.47 -11.20
N PRO A 164 30.35 -4.73 -11.24
CA PRO A 164 31.20 -4.73 -10.03
C PRO A 164 31.20 -3.38 -9.32
N GLU A 165 31.35 -3.40 -8.00
CA GLU A 165 31.34 -2.18 -7.21
C GLU A 165 32.06 -0.99 -7.89
N ASP A 166 33.36 -1.15 -8.17
CA ASP A 166 34.22 -0.14 -8.81
C ASP A 166 33.59 0.51 -10.04
N ARG A 167 33.19 -0.30 -11.02
CA ARG A 167 32.54 0.21 -12.22
C ARG A 167 31.25 0.92 -11.89
N HIS A 168 30.51 0.42 -10.90
CA HIS A 168 29.24 1.02 -10.51
C HIS A 168 29.51 2.41 -9.94
N ILE A 169 30.50 2.49 -9.04
CA ILE A 169 30.94 3.73 -8.42
C ILE A 169 31.21 4.71 -9.53
N ASP A 170 31.91 4.22 -10.55
CA ASP A 170 32.23 5.00 -11.73
C ASP A 170 30.99 5.45 -12.48
N ARG A 171 30.06 4.55 -12.75
CA ARG A 171 28.83 4.94 -13.44
C ARG A 171 27.90 5.77 -12.56
N LEU A 172 27.71 5.34 -11.32
CA LEU A 172 26.88 6.08 -10.38
C LEU A 172 27.37 7.54 -10.35
N ALA A 173 28.65 7.75 -10.61
CA ALA A 173 29.22 9.09 -10.59
C ALA A 173 29.20 9.81 -11.93
N LYS A 174 28.76 9.12 -12.99
CA LYS A 174 28.71 9.68 -14.35
C LYS A 174 27.97 10.99 -14.23
N ARG A 175 26.91 10.94 -13.45
CA ARG A 175 26.06 12.06 -13.15
C ARG A 175 24.87 11.33 -12.57
N GLN A 176 24.25 11.90 -11.57
CA GLN A 176 23.11 11.24 -11.01
C GLN A 176 22.12 12.20 -10.39
N ARG A 177 20.90 12.12 -10.94
CA ARG A 177 19.70 12.86 -10.58
C ARG A 177 19.72 14.24 -9.88
N PRO A 178 18.69 15.06 -10.13
CA PRO A 178 18.67 16.36 -9.48
C PRO A 178 18.58 16.16 -7.99
N GLY A 179 19.58 16.63 -7.27
CA GLY A 179 19.60 16.49 -5.81
C GLY A 179 20.48 15.41 -5.19
N GLU A 180 20.83 14.36 -5.91
CA GLU A 180 21.66 13.30 -5.32
C GLU A 180 22.99 13.79 -4.76
N ARG A 181 23.65 12.94 -3.99
CA ARG A 181 24.97 13.23 -3.43
C ARG A 181 25.58 11.85 -3.47
N LEU A 182 26.80 11.71 -3.96
CA LEU A 182 27.42 10.39 -4.00
C LEU A 182 27.50 9.91 -2.56
N ASP A 183 26.81 8.82 -2.27
CA ASP A 183 26.78 8.21 -0.96
C ASP A 183 27.23 6.79 -1.26
N LEU A 184 28.53 6.53 -1.12
CA LEU A 184 29.05 5.20 -1.42
C LEU A 184 28.45 4.09 -0.57
N ALA A 185 28.03 4.44 0.64
CA ALA A 185 27.41 3.47 1.54
C ALA A 185 26.01 3.08 1.02
N MET A 186 25.29 4.08 0.53
CA MET A 186 23.97 3.89 -0.01
C MET A 186 24.14 3.05 -1.28
N LEU A 187 25.38 2.97 -1.78
CA LEU A 187 25.63 2.14 -2.95
C LEU A 187 25.85 0.73 -2.40
N ALA A 188 26.53 0.63 -1.25
CA ALA A 188 26.82 -0.67 -0.60
C ALA A 188 25.56 -1.29 0.01
N ALA A 189 24.67 -0.41 0.47
CA ALA A 189 23.40 -0.84 1.03
C ALA A 189 22.56 -1.35 -0.13
N ILE A 190 22.37 -0.52 -1.13
CA ILE A 190 21.54 -0.92 -2.26
C ILE A 190 21.99 -2.12 -3.05
N ARG A 191 23.29 -2.29 -3.17
CA ARG A 191 23.79 -3.43 -3.93
C ARG A 191 23.55 -4.71 -3.13
N ARG A 192 23.70 -4.61 -1.81
CA ARG A 192 23.48 -5.74 -0.94
C ARG A 192 22.03 -6.21 -1.02
N VAL A 193 21.10 -5.27 -0.98
CA VAL A 193 19.65 -5.53 -1.05
C VAL A 193 19.19 -6.30 -2.28
N TYR A 194 19.40 -5.72 -3.46
CA TYR A 194 19.01 -6.37 -4.71
C TYR A 194 19.72 -7.72 -4.79
N GLY A 195 21.00 -7.72 -4.41
CA GLY A 195 21.80 -8.94 -4.43
C GLY A 195 21.11 -10.02 -3.63
N LEU A 196 20.63 -9.65 -2.44
CA LEU A 196 19.91 -10.57 -1.53
C LEU A 196 18.63 -11.01 -2.19
N LEU A 197 17.88 -10.04 -2.71
CA LEU A 197 16.61 -10.30 -3.38
C LEU A 197 16.80 -11.30 -4.52
N ALA A 198 17.95 -11.24 -5.14
CA ALA A 198 18.21 -12.16 -6.21
C ALA A 198 18.18 -13.57 -5.61
N ASN A 199 18.82 -13.73 -4.46
CA ASN A 199 18.89 -15.03 -3.79
C ASN A 199 17.56 -15.43 -3.27
N THR A 200 16.83 -14.45 -2.75
CA THR A 200 15.52 -14.68 -2.18
C THR A 200 14.59 -15.34 -3.17
N VAL A 201 14.55 -14.84 -4.41
CA VAL A 201 13.66 -15.43 -5.41
C VAL A 201 14.03 -16.87 -5.65
N ARG A 202 15.33 -17.18 -5.72
CA ARG A 202 15.80 -18.55 -5.97
C ARG A 202 15.50 -19.40 -4.75
N TYR A 203 15.66 -18.82 -3.57
CA TYR A 203 15.36 -19.51 -2.32
C TYR A 203 13.92 -19.95 -2.39
N LEU A 204 13.02 -18.99 -2.53
CA LEU A 204 11.61 -19.32 -2.60
C LEU A 204 11.22 -20.33 -3.69
N GLN A 205 11.96 -20.42 -4.79
CA GLN A 205 11.59 -21.33 -5.88
C GLN A 205 12.18 -22.71 -5.74
N CYS A 206 13.24 -22.83 -4.95
CA CYS A 206 13.85 -24.13 -4.71
C CYS A 206 13.16 -24.82 -3.52
N GLY A 207 12.06 -24.20 -3.06
CA GLY A 207 11.25 -24.74 -1.98
C GLY A 207 11.52 -24.31 -0.57
N GLY A 208 12.33 -23.29 -0.38
CA GLY A 208 12.64 -22.85 0.97
C GLY A 208 11.55 -22.21 1.81
N SER A 209 11.46 -22.63 3.07
CA SER A 209 10.48 -22.04 3.97
C SER A 209 11.16 -21.24 5.08
N TRP A 210 10.89 -19.94 5.11
CA TRP A 210 11.50 -19.07 6.10
C TRP A 210 11.13 -19.44 7.54
N ARG A 211 9.93 -19.95 7.77
CA ARG A 211 9.59 -20.33 9.13
C ARG A 211 10.43 -21.54 9.46
N GLU A 212 10.56 -22.45 8.51
CA GLU A 212 11.35 -23.64 8.81
C GLU A 212 12.85 -23.42 8.86
N ASP A 213 13.34 -22.28 8.33
CA ASP A 213 14.77 -21.95 8.32
C ASP A 213 15.16 -20.87 9.33
N TRP A 214 14.19 -20.05 9.72
CA TRP A 214 14.41 -18.94 10.64
C TRP A 214 15.36 -19.08 11.84
N GLY A 215 15.60 -20.29 12.31
CA GLY A 215 16.48 -20.46 13.44
C GLY A 215 17.95 -20.65 13.10
N GLN A 216 18.29 -20.64 11.81
CA GLN A 216 19.67 -20.81 11.39
C GLN A 216 20.42 -19.49 11.50
N LEU A 217 19.67 -18.39 11.45
CA LEU A 217 20.25 -17.06 11.51
C LEU A 217 20.83 -16.87 12.91
N SER A 218 20.51 -17.82 13.79
CA SER A 218 20.98 -17.79 15.17
C SER A 218 21.73 -19.08 15.49
N GLY A 219 22.07 -19.84 14.54
N PRO A 235 18.36 -27.59 -3.85
CA PRO A 235 19.50 -26.71 -4.25
C PRO A 235 18.99 -25.28 -4.09
N ARG A 236 19.50 -24.59 -3.08
CA ARG A 236 19.08 -23.21 -2.77
C ARG A 236 20.14 -22.50 -1.92
N PRO A 237 20.01 -21.18 -1.75
CA PRO A 237 20.94 -20.36 -0.95
C PRO A 237 20.60 -20.37 0.56
N HIS A 238 21.60 -20.18 1.43
CA HIS A 238 21.38 -20.17 2.87
C HIS A 238 20.45 -18.98 3.22
N ILE A 239 19.54 -19.16 4.17
CA ILE A 239 18.61 -18.12 4.52
C ILE A 239 19.27 -16.81 4.98
N GLY A 240 20.54 -16.88 5.33
CA GLY A 240 21.22 -15.69 5.77
C GLY A 240 21.61 -14.88 4.55
N ASP A 241 21.33 -15.48 3.40
CA ASP A 241 21.64 -14.85 2.13
C ASP A 241 20.32 -14.57 1.37
N THR A 242 19.32 -14.12 2.11
CA THR A 242 18.02 -13.79 1.58
C THR A 242 17.58 -12.53 2.29
N LEU A 243 16.47 -11.92 1.88
CA LEU A 243 15.97 -10.69 2.49
C LEU A 243 15.32 -10.91 3.82
N PHE A 244 15.23 -12.15 4.28
CA PHE A 244 14.61 -12.42 5.56
C PHE A 244 15.60 -12.08 6.68
N THR A 245 16.87 -12.42 6.46
CA THR A 245 17.93 -12.12 7.44
C THR A 245 18.00 -10.65 7.89
N LEU A 246 17.43 -9.75 7.09
CA LEU A 246 17.39 -8.33 7.42
C LEU A 246 16.36 -8.14 8.53
N PHE A 247 15.32 -8.95 8.53
CA PHE A 247 14.26 -8.76 9.49
C PHE A 247 14.42 -9.48 10.82
N ARG A 248 15.68 -9.58 11.20
CA ARG A 248 16.07 -10.15 12.46
C ARG A 248 16.30 -8.88 13.28
N ALA A 249 15.58 -7.81 12.92
CA ALA A 249 15.72 -6.54 13.61
C ALA A 249 15.09 -6.72 14.97
N PRO A 250 15.90 -6.59 16.02
CA PRO A 250 15.48 -6.73 17.41
C PRO A 250 14.13 -6.09 17.67
N GLU A 251 13.88 -4.99 16.99
CA GLU A 251 12.63 -4.30 17.16
C GLU A 251 11.47 -5.22 16.77
N LEU A 252 11.72 -6.15 15.86
CA LEU A 252 10.69 -7.07 15.40
C LEU A 252 10.52 -8.23 16.35
N LEU A 253 11.57 -8.45 17.12
CA LEU A 253 11.62 -9.56 18.05
C LEU A 253 11.04 -9.29 19.40
N ALA A 254 10.42 -10.34 19.93
CA ALA A 254 9.79 -10.35 21.24
C ALA A 254 10.89 -10.46 22.30
N PRO A 255 10.58 -10.05 23.51
CA PRO A 255 11.49 -10.09 24.66
C PRO A 255 12.24 -11.41 24.77
N ASN A 256 11.62 -12.47 24.24
CA ASN A 256 12.22 -13.80 24.22
C ASN A 256 12.84 -14.12 22.84
N GLY A 257 13.18 -13.07 22.10
CA GLY A 257 13.80 -13.23 20.81
C GLY A 257 12.88 -13.55 19.68
N ASP A 258 11.71 -14.09 20.00
CA ASP A 258 10.75 -14.45 18.97
C ASP A 258 10.38 -13.32 18.04
N LEU A 259 9.71 -13.66 16.94
CA LEU A 259 9.27 -12.68 15.96
C LEU A 259 7.76 -12.56 16.08
N TYR A 260 7.28 -11.34 16.30
CA TYR A 260 5.87 -11.09 16.42
C TYR A 260 5.15 -11.47 15.15
N ASN A 261 3.95 -11.98 15.33
CA ASN A 261 3.12 -12.43 14.23
C ASN A 261 2.81 -11.40 13.18
N VAL A 262 2.83 -10.12 13.52
CA VAL A 262 2.55 -9.12 12.49
C VAL A 262 3.64 -9.15 11.44
N PHE A 263 4.87 -9.04 11.90
CA PHE A 263 6.01 -9.04 11.01
C PHE A 263 6.13 -10.39 10.32
N ALA A 264 5.99 -11.46 11.09
CA ALA A 264 6.07 -12.79 10.52
C ALA A 264 5.04 -12.93 9.39
N TRP A 265 3.96 -12.17 9.46
CA TRP A 265 2.95 -12.23 8.41
C TRP A 265 3.38 -11.40 7.23
N ALA A 266 3.97 -10.26 7.54
CA ALA A 266 4.48 -9.33 6.54
C ALA A 266 5.44 -10.14 5.67
N LEU A 267 6.23 -10.98 6.33
CA LEU A 267 7.21 -11.84 5.68
C LEU A 267 6.55 -12.95 4.85
N ASP A 268 5.38 -13.41 5.30
CA ASP A 268 4.61 -14.41 4.56
C ASP A 268 4.26 -13.75 3.25
N VAL A 269 3.83 -12.50 3.33
CA VAL A 269 3.48 -11.76 2.15
C VAL A 269 4.70 -11.69 1.24
N LEU A 270 5.74 -11.06 1.74
CA LEU A 270 6.98 -10.90 1.00
C LEU A 270 7.33 -12.17 0.22
N ALA A 271 7.09 -13.33 0.84
CA ALA A 271 7.38 -14.62 0.21
C ALA A 271 6.42 -14.96 -0.93
N LYS A 272 5.11 -14.89 -0.71
CA LYS A 272 4.23 -15.21 -1.80
C LYS A 272 4.42 -14.24 -2.95
N ARG A 273 4.85 -13.02 -2.65
CA ARG A 273 5.07 -12.00 -3.66
C ARG A 273 6.26 -12.31 -4.61
N LEU A 274 7.41 -12.53 -4.03
CA LEU A 274 8.62 -12.78 -4.79
C LEU A 274 8.65 -14.11 -5.54
N ARG A 275 8.30 -15.18 -4.83
CA ARG A 275 8.32 -16.51 -5.40
C ARG A 275 7.81 -16.65 -6.80
N SER A 276 6.77 -15.89 -7.15
CA SER A 276 6.17 -15.97 -8.49
C SER A 276 6.79 -15.03 -9.53
N MET A 277 7.90 -14.40 -9.19
CA MET A 277 8.57 -13.50 -10.11
C MET A 277 9.55 -14.19 -11.04
N HIS A 278 9.83 -13.56 -12.16
CA HIS A 278 10.79 -14.10 -13.11
C HIS A 278 11.81 -12.98 -13.13
N VAL A 279 13.00 -13.30 -12.63
CA VAL A 279 14.10 -12.36 -12.52
C VAL A 279 15.23 -12.79 -13.44
N PHE A 280 15.76 -11.86 -14.24
CA PHE A 280 16.83 -12.19 -15.17
C PHE A 280 18.00 -11.25 -14.95
N ILE A 281 19.22 -11.77 -15.00
CA ILE A 281 20.40 -10.95 -14.75
C ILE A 281 21.08 -10.38 -15.99
N LEU A 282 21.23 -9.06 -16.00
CA LEU A 282 21.85 -8.34 -17.11
C LEU A 282 23.18 -7.79 -16.66
N ASP A 283 24.24 -8.27 -17.30
CA ASP A 283 25.60 -7.86 -17.01
C ASP A 283 25.78 -6.46 -17.58
N TYR A 284 25.88 -5.47 -16.70
CA TYR A 284 26.04 -4.08 -17.14
C TYR A 284 27.47 -3.66 -17.36
N ASP A 285 28.41 -4.54 -17.02
CA ASP A 285 29.84 -4.23 -17.21
C ASP A 285 30.17 -4.57 -18.66
N GLN A 286 29.75 -3.67 -19.56
CA GLN A 286 29.96 -3.79 -21.00
C GLN A 286 29.29 -2.56 -21.60
N SER A 287 30.01 -1.84 -22.46
CA SER A 287 29.49 -0.63 -23.07
C SER A 287 28.09 -0.76 -23.68
N PRO A 288 27.34 0.35 -23.69
CA PRO A 288 25.98 0.48 -24.21
C PRO A 288 25.75 -0.32 -25.49
N ALA A 289 24.49 -0.59 -25.83
CA ALA A 289 24.20 -1.42 -27.00
C ALA A 289 24.67 -2.83 -26.63
N GLY A 290 25.89 -2.96 -26.08
CA GLY A 290 26.38 -4.25 -25.64
C GLY A 290 25.45 -4.73 -24.54
N CYS A 291 24.94 -3.78 -23.76
CA CYS A 291 24.00 -4.09 -22.70
C CYS A 291 22.64 -4.08 -23.38
N ARG A 292 22.40 -3.08 -24.22
CA ARG A 292 21.14 -2.96 -24.94
C ARG A 292 20.88 -4.26 -25.72
N ASP A 293 21.93 -4.85 -26.23
CA ASP A 293 21.83 -6.12 -26.97
C ASP A 293 21.34 -7.23 -26.05
N ALA A 294 22.08 -7.42 -24.95
CA ALA A 294 21.77 -8.42 -23.96
C ALA A 294 20.34 -8.28 -23.48
N LEU A 295 19.83 -7.05 -23.45
CA LEU A 295 18.46 -6.81 -23.04
C LEU A 295 17.47 -7.43 -24.03
N LEU A 296 17.79 -7.39 -25.32
CA LEU A 296 16.90 -7.99 -26.29
C LEU A 296 17.03 -9.52 -26.25
N GLN A 297 18.21 -10.02 -25.90
CA GLN A 297 18.45 -11.45 -25.84
C GLN A 297 17.70 -12.16 -24.74
N LEU A 298 17.64 -11.52 -23.58
CA LEU A 298 16.96 -12.06 -22.39
C LEU A 298 15.46 -12.25 -22.66
N THR A 299 14.88 -11.29 -23.36
CA THR A 299 13.48 -11.28 -23.77
C THR A 299 12.94 -12.66 -24.19
N SER A 300 13.84 -13.56 -24.61
CA SER A 300 13.49 -14.91 -25.06
C SER A 300 12.82 -15.82 -24.02
N GLY A 301 13.24 -15.70 -22.76
CA GLY A 301 12.66 -16.54 -21.73
C GLY A 301 11.62 -15.88 -20.84
N MET A 302 11.41 -14.58 -21.05
CA MET A 302 10.45 -13.81 -20.28
C MET A 302 9.06 -14.32 -20.63
N VAL A 303 8.17 -14.32 -19.63
CA VAL A 303 6.81 -14.82 -19.83
C VAL A 303 5.85 -13.78 -20.39
N GLN A 304 5.00 -14.21 -21.29
CA GLN A 304 4.02 -13.33 -21.87
C GLN A 304 2.69 -13.64 -21.25
N THR A 305 1.72 -12.77 -21.45
CA THR A 305 0.40 -12.96 -20.88
C THR A 305 -0.60 -12.58 -21.95
N HIS A 306 -1.84 -13.02 -21.82
CA HIS A 306 -2.82 -12.60 -22.79
C HIS A 306 -3.39 -11.36 -22.12
N VAL A 307 -4.06 -10.50 -22.88
CA VAL A 307 -4.71 -9.34 -22.29
C VAL A 307 -6.14 -9.81 -21.98
N THR A 308 -6.83 -9.13 -21.08
CA THR A 308 -8.19 -9.51 -20.66
C THR A 308 -9.29 -9.12 -21.62
N THR A 309 -9.17 -7.95 -22.25
CA THR A 309 -10.20 -7.49 -23.19
C THR A 309 -9.64 -7.18 -24.59
N PRO A 310 -10.56 -7.07 -25.58
CA PRO A 310 -10.16 -6.77 -26.96
C PRO A 310 -9.34 -5.49 -26.96
N GLY A 311 -9.94 -4.42 -26.44
CA GLY A 311 -9.24 -3.15 -26.38
C GLY A 311 -8.21 -3.00 -25.27
N SER A 312 -7.67 -4.11 -24.78
CA SER A 312 -6.69 -4.01 -23.71
C SER A 312 -5.39 -3.38 -24.19
N ILE A 313 -4.66 -4.03 -25.09
CA ILE A 313 -3.38 -3.50 -25.63
C ILE A 313 -3.37 -1.94 -25.85
N PRO A 314 -4.38 -1.40 -26.57
CA PRO A 314 -4.53 0.04 -26.88
C PRO A 314 -4.65 0.91 -25.62
N THR A 315 -5.43 0.44 -24.67
CA THR A 315 -5.58 1.17 -23.41
C THR A 315 -4.19 1.12 -22.77
N ILE A 316 -3.59 -0.05 -22.83
CA ILE A 316 -2.26 -0.27 -22.27
C ILE A 316 -1.18 0.57 -22.96
N CYS A 317 -1.35 0.82 -24.25
CA CYS A 317 -0.38 1.67 -24.94
C CYS A 317 -0.45 3.09 -24.38
N ASP A 318 -1.66 3.66 -24.40
CA ASP A 318 -1.91 5.02 -23.92
C ASP A 318 -1.38 5.27 -22.53
N LEU A 319 -1.52 4.28 -21.66
CA LEU A 319 -1.05 4.40 -20.28
C LEU A 319 0.45 4.67 -20.31
N ALA A 320 1.15 3.85 -21.07
CA ALA A 320 2.58 4.00 -21.15
C ALA A 320 2.99 5.30 -21.83
N ARG A 321 2.12 5.85 -22.67
CA ARG A 321 2.49 7.08 -23.36
C ARG A 321 2.13 8.36 -22.59
N THR A 322 1.02 8.29 -21.87
CA THR A 322 0.52 9.40 -21.07
C THR A 322 1.32 9.52 -19.76
N PHE A 323 1.77 8.39 -19.21
CA PHE A 323 2.60 8.40 -17.99
C PHE A 323 3.88 9.09 -18.45
N ALA A 324 4.38 8.61 -19.59
CA ALA A 324 5.58 9.10 -20.21
C ALA A 324 5.66 10.63 -20.34
N ARG A 325 4.73 11.21 -21.09
CA ARG A 325 4.70 12.66 -21.32
C ARG A 325 4.48 13.51 -20.07
N GLU A 326 3.81 12.93 -19.08
CA GLU A 326 3.50 13.65 -17.88
C GLU A 326 4.53 13.51 -16.75
N MET A 327 5.03 12.31 -16.54
CA MET A 327 5.97 12.11 -15.45
C MET A 327 7.43 11.96 -15.83
N GLY A 328 7.68 11.47 -17.04
CA GLY A 328 9.02 11.30 -17.52
C GLY A 328 9.61 12.68 -17.78
N GLU A 329 10.84 12.86 -17.35
CA GLU A 329 11.54 14.13 -17.48
C GLU A 329 12.90 13.86 -18.08
N MET B 1 -19.27 -25.51 -0.11
CA MET B 1 -18.15 -25.39 0.88
C MET B 1 -18.61 -24.59 2.11
N PRO B 2 -17.80 -24.56 3.19
CA PRO B 2 -18.17 -23.83 4.42
C PRO B 2 -18.18 -22.38 4.08
N THR B 3 -19.26 -21.69 4.38
CA THR B 3 -19.30 -20.29 4.04
C THR B 3 -18.76 -19.49 5.19
N LEU B 4 -18.32 -18.28 4.88
CA LEU B 4 -17.76 -17.37 5.84
C LEU B 4 -18.36 -16.00 5.54
N LEU B 5 -18.79 -15.33 6.60
CA LEU B 5 -19.41 -14.02 6.49
C LEU B 5 -18.51 -13.09 7.28
N ARG B 6 -17.95 -12.12 6.59
CA ARG B 6 -17.07 -11.15 7.20
C ARG B 6 -17.87 -9.85 7.34
N VAL B 7 -17.61 -9.11 8.42
CA VAL B 7 -18.26 -7.81 8.66
C VAL B 7 -17.23 -6.86 9.33
N TYR B 8 -16.99 -5.70 8.72
CA TYR B 8 -16.07 -4.71 9.24
C TYR B 8 -16.88 -3.57 9.82
N ILE B 9 -16.67 -3.23 11.08
CA ILE B 9 -17.39 -2.12 11.67
C ILE B 9 -16.43 -0.92 11.62
N ASP B 10 -16.84 0.15 10.93
CA ASP B 10 -16.01 1.33 10.72
C ASP B 10 -16.81 2.60 10.95
N GLY B 11 -16.21 3.74 10.73
CA GLY B 11 -16.89 5.00 10.97
C GLY B 11 -16.01 5.79 11.94
N PRO B 12 -16.36 7.02 12.31
CA PRO B 12 -15.54 7.83 13.23
C PRO B 12 -15.33 7.16 14.56
N HIS B 13 -14.28 7.58 15.26
CA HIS B 13 -13.96 7.05 16.58
C HIS B 13 -14.90 7.71 17.59
N GLY B 14 -15.20 6.99 18.67
CA GLY B 14 -16.03 7.54 19.74
C GLY B 14 -17.53 7.35 19.65
N MET B 15 -18.00 6.46 18.78
CA MET B 15 -19.45 6.23 18.67
C MET B 15 -19.91 5.00 19.48
N GLY B 16 -18.97 4.13 19.84
CA GLY B 16 -19.29 2.93 20.61
C GLY B 16 -19.25 1.67 19.75
N LYS B 17 -18.39 1.67 18.74
CA LYS B 17 -18.26 0.54 17.84
C LYS B 17 -17.60 -0.64 18.53
N THR B 18 -16.67 -0.39 19.44
CA THR B 18 -15.98 -1.48 20.12
C THR B 18 -16.89 -2.24 21.05
N THR B 19 -17.69 -1.53 21.84
CA THR B 19 -18.57 -2.23 22.73
C THR B 19 -19.52 -3.13 21.97
N THR B 20 -20.35 -2.51 21.15
CA THR B 20 -21.37 -3.17 20.37
C THR B 20 -20.87 -4.48 19.79
N THR B 21 -19.77 -4.42 19.05
CA THR B 21 -19.22 -5.64 18.47
C THR B 21 -18.87 -6.68 19.54
N GLN B 22 -18.46 -6.24 20.72
CA GLN B 22 -18.19 -7.20 21.77
C GLN B 22 -19.57 -7.83 22.06
N LEU B 23 -20.51 -7.00 22.49
CA LEU B 23 -21.86 -7.49 22.81
C LEU B 23 -22.33 -8.41 21.71
N LEU B 24 -22.05 -8.03 20.47
CA LEU B 24 -22.45 -8.83 19.33
C LEU B 24 -21.72 -10.15 19.39
N VAL B 25 -20.41 -10.09 19.63
CA VAL B 25 -19.56 -11.28 19.68
C VAL B 25 -19.79 -12.15 20.90
N ALA B 26 -20.09 -11.51 22.03
CA ALA B 26 -20.34 -12.20 23.28
C ALA B 26 -21.40 -13.30 23.15
N LEU B 27 -22.23 -13.20 22.11
CA LEU B 27 -23.30 -14.17 21.81
C LEU B 27 -22.78 -15.52 21.28
N GLY B 28 -23.19 -16.58 21.84
N ASP B 32 -18.24 -19.66 16.59
CA ASP B 32 -18.55 -19.31 15.18
C ASP B 32 -17.97 -17.97 14.84
N ILE B 33 -18.08 -17.07 15.78
CA ILE B 33 -17.63 -15.71 15.57
C ILE B 33 -16.34 -15.40 16.27
N VAL B 34 -15.45 -14.70 15.58
CA VAL B 34 -14.22 -14.30 16.22
C VAL B 34 -14.09 -12.83 15.97
N TYR B 35 -13.36 -12.16 16.82
CA TYR B 35 -13.22 -10.73 16.75
C TYR B 35 -11.80 -10.29 16.46
N VAL B 36 -11.61 -9.47 15.44
CA VAL B 36 -10.30 -8.94 15.12
C VAL B 36 -10.38 -7.51 15.63
N PRO B 37 -9.97 -7.29 16.89
CA PRO B 37 -9.95 -6.03 17.61
C PRO B 37 -8.96 -5.00 17.08
N GLU B 38 -9.04 -3.78 17.61
CA GLU B 38 -8.13 -2.71 17.21
C GLU B 38 -6.75 -2.98 17.76
N PRO B 39 -5.74 -2.95 16.89
CA PRO B 39 -4.37 -3.22 17.31
C PRO B 39 -3.70 -2.09 18.08
N MET B 40 -4.23 -1.71 19.23
CA MET B 40 -3.61 -0.61 19.98
C MET B 40 -2.14 -0.86 20.31
N THR B 41 -1.84 -2.07 20.77
CA THR B 41 -0.47 -2.43 21.17
C THR B 41 0.52 -2.16 20.06
N TYR B 42 0.04 -2.25 18.81
CA TYR B 42 0.91 -1.96 17.68
C TYR B 42 1.17 -0.45 17.68
N TRP B 43 0.07 0.30 17.71
CA TRP B 43 0.10 1.74 17.69
C TRP B 43 0.87 2.32 18.86
N ARG B 44 0.71 1.70 20.04
CA ARG B 44 1.38 2.13 21.27
C ARG B 44 2.81 1.62 21.41
N VAL B 45 3.00 0.33 21.16
CA VAL B 45 4.32 -0.27 21.29
C VAL B 45 4.93 -0.90 20.04
N LEU B 46 4.51 -2.12 19.74
CA LEU B 46 5.08 -2.91 18.64
C LEU B 46 5.54 -2.21 17.37
N GLY B 47 4.72 -1.30 16.85
CA GLY B 47 5.06 -0.60 15.61
C GLY B 47 5.83 0.70 15.75
N ALA B 48 5.50 1.48 16.76
CA ALA B 48 6.16 2.74 16.96
C ALA B 48 6.28 2.97 18.44
N SER B 49 5.50 3.93 18.93
CA SER B 49 5.51 4.33 20.33
C SER B 49 4.50 5.47 20.42
N GLU B 50 3.33 5.18 20.98
CA GLU B 50 2.28 6.17 21.14
C GLU B 50 1.89 6.83 19.84
N THR B 51 1.74 6.01 18.81
CA THR B 51 1.40 6.54 17.51
C THR B 51 0.21 7.47 17.59
N ILE B 52 -0.82 7.11 18.34
CA ILE B 52 -2.00 7.97 18.41
C ILE B 52 -1.79 9.26 19.22
N ALA B 53 -0.88 9.24 20.17
CA ALA B 53 -0.59 10.43 20.98
C ALA B 53 0.23 11.36 20.11
N ASN B 54 1.06 10.75 19.26
CA ASN B 54 1.92 11.46 18.32
C ASN B 54 1.09 12.30 17.33
N ILE B 55 0.05 11.66 16.77
CA ILE B 55 -0.90 12.25 15.83
C ILE B 55 -1.53 13.53 16.42
N TYR B 56 -2.21 13.35 17.55
CA TYR B 56 -2.88 14.43 18.25
C TYR B 56 -2.01 15.63 18.71
N THR B 57 -0.74 15.38 19.01
CA THR B 57 0.24 16.40 19.44
C THR B 57 0.71 17.24 18.23
N THR B 58 1.13 16.55 17.19
CA THR B 58 1.60 17.20 15.96
C THR B 58 0.55 18.11 15.39
N GLN B 59 -0.66 17.57 15.19
CA GLN B 59 -1.73 18.38 14.66
C GLN B 59 -1.88 19.54 15.61
N HIS B 60 -1.69 19.28 16.90
CA HIS B 60 -1.82 20.34 17.88
C HIS B 60 -0.70 21.34 17.70
N ARG B 61 0.53 20.86 17.62
CA ARG B 61 1.63 21.78 17.42
C ARG B 61 1.38 22.63 16.17
N LEU B 62 0.72 22.00 15.19
CA LEU B 62 0.37 22.65 13.95
C LEU B 62 -0.65 23.77 14.18
N ASP B 63 -1.63 23.50 15.02
CA ASP B 63 -2.67 24.48 15.30
C ASP B 63 -2.15 25.66 16.12
N GLN B 64 -1.06 25.40 16.86
CA GLN B 64 -0.44 26.43 17.68
C GLN B 64 0.46 27.32 16.85
N GLY B 65 0.79 26.84 15.65
CA GLY B 65 1.66 27.57 14.75
C GLY B 65 3.09 27.47 15.22
N GLU B 66 3.43 26.31 15.81
CA GLU B 66 4.78 26.04 16.32
C GLU B 66 5.50 25.08 15.40
N ILE B 67 4.72 24.45 14.53
CA ILE B 67 5.23 23.48 13.58
C ILE B 67 4.57 23.95 12.29
N SER B 68 5.26 23.85 11.16
CA SER B 68 4.71 24.28 9.87
C SER B 68 4.06 23.10 9.16
N ALA B 69 3.12 23.40 8.27
CA ALA B 69 2.39 22.37 7.53
C ALA B 69 3.25 21.21 7.12
N GLY B 70 4.43 21.52 6.59
CA GLY B 70 5.38 20.51 6.15
C GLY B 70 5.92 19.61 7.25
N ASP B 71 6.18 20.17 8.43
CA ASP B 71 6.70 19.37 9.56
C ASP B 71 5.58 18.47 10.08
N ALA B 72 4.37 18.98 10.14
CA ALA B 72 3.25 18.18 10.60
C ALA B 72 2.83 17.21 9.48
N ALA B 73 2.91 17.64 8.23
CA ALA B 73 2.58 16.78 7.08
C ALA B 73 3.45 15.52 7.07
N VAL B 74 4.75 15.75 7.10
CA VAL B 74 5.75 14.71 7.09
C VAL B 74 5.62 13.83 8.33
N VAL B 75 5.21 14.43 9.46
CA VAL B 75 5.03 13.66 10.71
C VAL B 75 3.72 12.88 10.66
N MET B 76 2.68 13.50 10.10
CA MET B 76 1.39 12.86 10.01
C MET B 76 1.46 11.74 9.03
N THR B 77 1.80 12.06 7.79
CA THR B 77 1.89 11.08 6.72
C THR B 77 2.52 9.78 7.18
N SER B 78 3.64 9.89 7.89
CA SER B 78 4.38 8.73 8.38
C SER B 78 3.73 8.04 9.58
N ALA B 79 2.93 8.79 10.34
CA ALA B 79 2.24 8.26 11.49
C ALA B 79 1.08 7.39 11.01
N GLN B 80 0.60 7.68 9.80
CA GLN B 80 -0.47 6.93 9.19
C GLN B 80 0.01 5.57 8.74
N ILE B 81 1.20 5.53 8.14
CA ILE B 81 1.80 4.29 7.67
C ILE B 81 1.76 3.19 8.75
N THR B 82 1.95 3.58 10.03
CA THR B 82 1.96 2.67 11.23
C THR B 82 0.57 2.19 11.61
N MET B 83 -0.40 3.07 11.49
CA MET B 83 -1.79 2.80 11.82
C MET B 83 -2.40 1.68 10.99
N GLY B 84 -2.20 1.76 9.68
CA GLY B 84 -2.77 0.77 8.80
C GLY B 84 -2.03 -0.53 8.71
N MET B 85 -0.84 -0.60 9.30
CA MET B 85 -0.05 -1.81 9.24
C MET B 85 -0.82 -3.10 9.56
N PRO B 86 -1.44 -3.20 10.75
CA PRO B 86 -2.17 -4.44 11.05
C PRO B 86 -3.31 -4.80 10.12
N TYR B 87 -4.01 -3.78 9.59
CA TYR B 87 -5.15 -4.00 8.69
C TYR B 87 -4.69 -4.60 7.37
N ALA B 88 -3.65 -3.99 6.85
CA ALA B 88 -3.07 -4.41 5.59
C ALA B 88 -2.52 -5.83 5.59
N VAL B 89 -1.84 -6.23 6.66
CA VAL B 89 -1.24 -7.57 6.73
C VAL B 89 -2.31 -8.62 6.90
N THR B 90 -3.32 -8.31 7.71
CA THR B 90 -4.42 -9.24 7.95
C THR B 90 -5.13 -9.56 6.63
N ASP B 91 -5.46 -8.52 5.87
CA ASP B 91 -6.08 -8.67 4.56
C ASP B 91 -5.19 -9.58 3.68
N ALA B 92 -3.92 -9.19 3.53
CA ALA B 92 -2.96 -9.92 2.70
C ALA B 92 -2.93 -11.43 2.89
N VAL B 93 -2.90 -11.87 4.15
CA VAL B 93 -2.88 -13.31 4.45
C VAL B 93 -4.31 -13.92 4.43
N LEU B 94 -5.31 -13.07 4.66
CA LEU B 94 -6.73 -13.49 4.64
C LEU B 94 -7.21 -13.75 3.22
N ALA B 95 -6.96 -12.79 2.34
CA ALA B 95 -7.35 -12.83 0.93
C ALA B 95 -7.45 -14.19 0.23
N PRO B 96 -6.37 -15.00 0.27
CA PRO B 96 -6.33 -16.32 -0.37
C PRO B 96 -7.48 -17.23 -0.01
N HIS B 97 -7.75 -17.39 1.28
CA HIS B 97 -8.82 -18.25 1.76
C HIS B 97 -10.20 -17.78 1.43
N ILE B 98 -10.33 -16.56 0.91
CA ILE B 98 -11.64 -16.01 0.55
C ILE B 98 -12.01 -16.48 -0.87
N GLY B 99 -13.18 -17.12 -0.99
CA GLY B 99 -13.65 -17.62 -2.27
C GLY B 99 -14.86 -16.84 -2.78
N GLY B 100 -15.67 -17.44 -3.64
CA GLY B 100 -16.82 -16.74 -4.16
C GLY B 100 -17.99 -16.54 -3.19
N GLU B 101 -18.70 -15.44 -3.37
CA GLU B 101 -19.84 -15.13 -2.52
C GLU B 101 -20.89 -16.24 -2.61
N ALA B 102 -21.71 -16.34 -1.59
CA ALA B 102 -22.77 -17.34 -1.53
C ALA B 102 -24.13 -16.64 -1.36
N GLY B 103 -24.37 -16.01 -0.21
CA GLY B 103 -25.63 -15.30 -0.03
C GLY B 103 -26.17 -15.02 1.37
N SER B 104 -26.14 -13.74 1.75
CA SER B 104 -26.58 -13.18 3.05
C SER B 104 -27.07 -14.04 4.20
N SER B 105 -26.66 -13.74 5.35
N ALA B 107 -28.30 -17.52 3.14
CA ALA B 107 -29.29 -18.06 4.11
C ALA B 107 -28.52 -18.39 5.39
N PRO B 108 -29.13 -18.14 6.58
CA PRO B 108 -28.47 -18.43 7.86
C PRO B 108 -28.19 -19.93 8.04
N PRO B 109 -26.99 -20.30 8.51
CA PRO B 109 -25.88 -19.43 8.88
C PRO B 109 -24.60 -19.77 8.09
N PRO B 110 -23.46 -19.16 8.51
CA PRO B 110 -22.15 -19.36 7.91
C PRO B 110 -21.45 -20.37 8.80
N ALA B 111 -20.19 -20.65 8.50
CA ALA B 111 -19.39 -21.59 9.28
C ALA B 111 -18.66 -20.78 10.36
N LEU B 112 -18.22 -19.58 9.95
CA LEU B 112 -17.51 -18.64 10.79
C LEU B 112 -17.99 -17.22 10.50
N THR B 113 -17.70 -16.33 11.44
CA THR B 113 -18.04 -14.92 11.33
C THR B 113 -16.85 -14.22 11.96
N LEU B 114 -16.23 -13.34 11.18
CA LEU B 114 -15.09 -12.60 11.65
C LEU B 114 -15.61 -11.21 11.72
N ILE B 115 -15.50 -10.60 12.90
CA ILE B 115 -15.89 -9.22 13.11
C ILE B 115 -14.56 -8.49 13.12
N PHE B 116 -14.50 -7.37 12.44
CA PHE B 116 -13.27 -6.58 12.34
C PHE B 116 -13.43 -5.23 13.00
N ASP B 117 -12.36 -4.67 13.55
CA ASP B 117 -12.47 -3.32 14.08
C ASP B 117 -11.74 -2.48 13.04
N ARG B 118 -12.53 -1.85 12.16
CA ARG B 118 -12.05 -1.00 11.08
C ARG B 118 -11.67 -1.84 9.87
N HIS B 119 -11.37 -1.18 8.78
CA HIS B 119 -11.04 -1.85 7.53
C HIS B 119 -9.86 -1.11 6.88
N PRO B 120 -9.06 -1.82 6.07
CA PRO B 120 -7.94 -1.17 5.40
C PRO B 120 -8.26 0.29 5.01
N ILE B 121 -9.36 0.51 4.26
CA ILE B 121 -9.74 1.86 3.82
C ILE B 121 -9.75 2.94 4.88
N ALA B 122 -9.89 2.57 6.14
CA ALA B 122 -9.92 3.53 7.22
C ALA B 122 -8.54 4.14 7.47
N ALA B 123 -7.49 3.41 7.13
CA ALA B 123 -6.13 3.87 7.37
C ALA B 123 -5.51 4.39 6.09
N LEU B 124 -5.95 3.80 5.00
CA LEU B 124 -5.47 4.14 3.67
C LEU B 124 -6.31 5.17 2.94
N LEU B 125 -7.39 5.64 3.58
CA LEU B 125 -8.25 6.65 2.99
C LEU B 125 -8.85 7.63 4.01
N CYS B 126 -9.96 7.25 4.64
CA CYS B 126 -10.67 8.09 5.57
C CYS B 126 -9.85 8.97 6.49
N TYR B 127 -9.05 8.36 7.34
CA TYR B 127 -8.29 9.14 8.29
C TYR B 127 -7.37 10.16 7.63
N PRO B 128 -6.65 9.75 6.57
CA PRO B 128 -5.75 10.64 5.85
C PRO B 128 -6.47 11.82 5.17
N ALA B 129 -7.49 11.53 4.39
CA ALA B 129 -8.29 12.56 3.71
C ALA B 129 -8.73 13.56 4.75
N ALA B 130 -9.13 13.03 5.90
CA ALA B 130 -9.60 13.82 7.02
C ALA B 130 -8.46 14.71 7.45
N ARG B 131 -7.30 14.10 7.73
CA ARG B 131 -6.12 14.87 8.13
C ARG B 131 -5.75 15.87 7.05
N TYR B 132 -6.03 15.51 5.79
CA TYR B 132 -5.77 16.43 4.71
C TYR B 132 -6.67 17.69 4.88
N LEU B 133 -7.99 17.53 5.03
CA LEU B 133 -8.88 18.67 5.24
C LEU B 133 -8.39 19.46 6.42
N MET B 134 -7.79 18.75 7.40
CA MET B 134 -7.21 19.33 8.62
C MET B 134 -5.91 20.04 8.31
N GLY B 135 -5.45 19.87 7.08
CA GLY B 135 -4.24 20.50 6.59
C GLY B 135 -2.93 19.94 7.10
N SER B 136 -2.97 18.83 7.81
CA SER B 136 -1.76 18.25 8.34
C SER B 136 -1.24 17.25 7.35
N MET B 137 -1.87 17.18 6.19
CA MET B 137 -1.48 16.23 5.17
C MET B 137 -1.86 16.76 3.82
N THR B 138 -1.14 16.30 2.80
CA THR B 138 -1.36 16.71 1.41
C THR B 138 -2.33 15.77 0.68
N PRO B 139 -2.89 16.21 -0.46
CA PRO B 139 -3.80 15.32 -1.19
C PRO B 139 -2.96 14.36 -2.09
N GLN B 140 -1.71 14.71 -2.28
CA GLN B 140 -0.88 13.85 -3.09
C GLN B 140 -0.64 12.58 -2.27
N ALA B 141 -0.18 12.74 -1.03
CA ALA B 141 0.08 11.63 -0.13
C ALA B 141 -1.21 10.81 0.04
N VAL B 142 -2.31 11.50 0.29
CA VAL B 142 -3.62 10.86 0.43
C VAL B 142 -3.92 9.90 -0.73
N LEU B 143 -3.69 10.36 -1.95
CA LEU B 143 -3.90 9.52 -3.13
C LEU B 143 -2.84 8.40 -3.20
N ALA B 144 -1.69 8.61 -2.55
CA ALA B 144 -0.62 7.61 -2.54
C ALA B 144 -1.10 6.37 -1.81
N PHE B 145 -1.84 6.59 -0.74
CA PHE B 145 -2.39 5.51 0.06
C PHE B 145 -3.52 4.88 -0.70
N VAL B 146 -4.29 5.73 -1.38
CA VAL B 146 -5.43 5.28 -2.16
C VAL B 146 -4.97 4.30 -3.21
N ALA B 147 -3.79 4.55 -3.76
CA ALA B 147 -3.24 3.67 -4.79
C ALA B 147 -2.72 2.36 -4.18
N LEU B 148 -2.66 2.30 -2.86
CA LEU B 148 -2.17 1.10 -2.22
C LEU B 148 -3.27 0.27 -1.58
N ILE B 149 -4.47 0.85 -1.49
CA ILE B 149 -5.63 0.18 -0.94
C ILE B 149 -5.67 -1.16 -1.66
N PRO B 150 -5.69 -2.27 -0.89
CA PRO B 150 -5.72 -3.60 -1.53
C PRO B 150 -6.98 -3.85 -2.33
N PRO B 151 -6.93 -4.80 -3.28
CA PRO B 151 -8.11 -5.11 -4.10
C PRO B 151 -9.27 -5.50 -3.20
N THR B 152 -10.49 -5.02 -3.46
CA THR B 152 -11.65 -5.36 -2.63
C THR B 152 -12.09 -6.83 -2.73
N LEU B 153 -12.12 -7.47 -1.57
CA LEU B 153 -12.47 -8.87 -1.50
C LEU B 153 -13.97 -9.09 -1.54
N PRO B 154 -14.43 -10.18 -2.17
CA PRO B 154 -15.86 -10.46 -2.23
C PRO B 154 -16.46 -10.68 -0.82
N GLY B 155 -17.64 -10.12 -0.60
CA GLY B 155 -18.26 -10.29 0.69
C GLY B 155 -17.64 -9.33 1.67
N THR B 156 -17.19 -8.18 1.17
CA THR B 156 -16.63 -7.15 2.01
C THR B 156 -17.76 -6.20 2.48
N ASN B 157 -18.30 -6.52 3.65
CA ASN B 157 -19.39 -5.80 4.30
C ASN B 157 -18.83 -4.78 5.27
N ILE B 158 -19.22 -3.54 5.06
CA ILE B 158 -18.78 -2.42 5.86
C ILE B 158 -19.95 -1.74 6.53
N VAL B 159 -19.92 -1.69 7.85
CA VAL B 159 -20.95 -1.09 8.63
C VAL B 159 -20.41 0.25 9.13
N LEU B 160 -20.86 1.37 8.56
CA LEU B 160 -20.39 2.68 9.01
C LEU B 160 -21.33 3.05 10.11
N GLY B 161 -21.10 4.15 10.80
CA GLY B 161 -22.00 4.44 11.89
C GLY B 161 -22.57 5.83 12.05
N ALA B 162 -23.86 5.87 12.39
CA ALA B 162 -24.59 7.12 12.60
C ALA B 162 -24.76 7.49 14.06
N LEU B 163 -24.44 8.74 14.37
CA LEU B 163 -24.57 9.28 15.72
C LEU B 163 -24.74 10.79 15.63
N PRO B 164 -25.69 11.35 16.38
CA PRO B 164 -25.86 12.79 16.33
C PRO B 164 -24.64 13.54 16.87
N GLU B 165 -24.36 14.69 16.29
CA GLU B 165 -23.20 15.47 16.68
C GLU B 165 -23.04 15.77 18.17
N ASP B 166 -23.94 16.57 18.70
CA ASP B 166 -23.94 16.92 20.10
C ASP B 166 -23.69 15.69 20.98
N ARG B 167 -24.27 14.58 20.55
CA ARG B 167 -24.19 13.28 21.20
C ARG B 167 -22.83 12.66 20.91
N HIS B 168 -22.28 12.90 19.72
CA HIS B 168 -20.95 12.37 19.40
C HIS B 168 -19.90 13.20 20.13
N ILE B 169 -20.02 14.53 20.08
CA ILE B 169 -19.09 15.44 20.75
C ILE B 169 -19.14 15.11 22.21
N ASP B 170 -20.37 15.01 22.69
CA ASP B 170 -20.65 14.70 24.06
C ASP B 170 -19.85 13.49 24.45
N ARG B 171 -19.99 12.43 23.65
CA ARG B 171 -19.29 11.19 23.91
C ARG B 171 -17.77 11.36 23.95
N LEU B 172 -17.16 11.89 22.88
CA LEU B 172 -15.73 12.07 22.91
C LEU B 172 -15.38 12.83 24.19
N ALA B 173 -16.15 13.87 24.50
CA ALA B 173 -15.92 14.69 25.68
C ALA B 173 -15.55 13.87 26.92
N LYS B 174 -16.39 12.88 27.25
CA LYS B 174 -16.18 12.02 28.42
C LYS B 174 -14.80 11.34 28.51
N ARG B 175 -14.30 10.80 27.38
CA ARG B 175 -13.01 10.11 27.30
C ARG B 175 -13.00 9.10 26.14
N GLN B 176 -11.81 8.88 25.57
CA GLN B 176 -11.60 7.89 24.50
C GLN B 176 -10.13 7.37 24.46
N ARG B 177 -9.43 7.49 23.33
CA ARG B 177 -8.05 6.97 23.20
C ARG B 177 -6.89 7.70 23.89
N PRO B 178 -5.93 6.96 24.47
CA PRO B 178 -4.74 7.45 25.19
C PRO B 178 -3.74 8.24 24.32
N GLY B 179 -3.86 9.57 24.42
CA GLY B 179 -3.05 10.51 23.66
C GLY B 179 -3.98 11.41 22.86
N GLU B 180 -5.24 11.01 22.82
CA GLU B 180 -6.27 11.71 22.10
C GLU B 180 -6.66 13.03 22.73
N ARG B 181 -6.72 14.03 21.87
CA ARG B 181 -7.09 15.38 22.25
C ARG B 181 -8.41 15.65 21.55
N LEU B 182 -9.35 16.28 22.25
CA LEU B 182 -10.64 16.58 21.64
C LEU B 182 -10.48 17.73 20.66
N ASP B 183 -10.47 17.37 19.38
CA ASP B 183 -10.38 18.35 18.35
C ASP B 183 -11.74 18.15 17.74
N LEU B 184 -12.62 19.12 17.93
CA LEU B 184 -13.96 19.02 17.36
C LEU B 184 -13.87 19.12 15.84
N ALA B 185 -12.97 19.99 15.38
CA ALA B 185 -12.79 20.17 13.95
C ALA B 185 -12.44 18.81 13.34
N MET B 186 -11.57 18.07 14.02
CA MET B 186 -11.16 16.75 13.55
C MET B 186 -12.38 15.83 13.54
N LEU B 187 -13.20 15.94 14.59
CA LEU B 187 -14.42 15.13 14.68
C LEU B 187 -15.25 15.49 13.47
N ALA B 188 -15.29 16.78 13.16
CA ALA B 188 -16.05 17.26 12.02
C ALA B 188 -15.51 16.68 10.72
N ALA B 189 -14.22 16.86 10.47
CA ALA B 189 -13.62 16.34 9.26
C ALA B 189 -13.94 14.85 9.16
N ILE B 190 -13.46 14.08 10.13
CA ILE B 190 -13.68 12.63 10.17
C ILE B 190 -15.15 12.23 10.03
N ARG B 191 -16.05 13.13 10.41
CA ARG B 191 -17.46 12.84 10.25
C ARG B 191 -17.74 12.95 8.77
N ARG B 192 -17.39 14.11 8.22
CA ARG B 192 -17.54 14.46 6.80
C ARG B 192 -17.04 13.36 5.86
N VAL B 193 -15.82 12.92 6.12
CA VAL B 193 -15.21 11.91 5.33
C VAL B 193 -15.97 10.59 5.35
N TYR B 194 -16.54 10.23 6.49
CA TYR B 194 -17.29 8.98 6.53
C TYR B 194 -18.69 9.12 5.95
N GLY B 195 -19.15 10.36 5.82
CA GLY B 195 -20.44 10.58 5.20
C GLY B 195 -20.14 10.36 3.72
N LEU B 196 -19.28 11.23 3.17
CA LEU B 196 -18.86 11.15 1.78
C LEU B 196 -18.67 9.70 1.38
N LEU B 197 -17.87 8.97 2.15
CA LEU B 197 -17.61 7.58 1.84
C LEU B 197 -18.91 6.83 1.60
N ALA B 198 -19.93 7.05 2.42
CA ALA B 198 -21.20 6.35 2.21
C ALA B 198 -21.79 6.69 0.83
N ASN B 199 -21.97 7.99 0.56
CA ASN B 199 -22.51 8.46 -0.71
C ASN B 199 -21.69 7.94 -1.86
N THR B 200 -20.37 8.04 -1.70
CA THR B 200 -19.43 7.62 -2.74
C THR B 200 -19.74 6.22 -3.20
N VAL B 201 -19.97 5.31 -2.25
CA VAL B 201 -20.29 3.92 -2.58
C VAL B 201 -21.60 3.91 -3.36
N ARG B 202 -22.60 4.58 -2.78
CA ARG B 202 -23.92 4.69 -3.37
C ARG B 202 -23.75 5.23 -4.79
N TYR B 203 -23.38 6.51 -4.92
CA TYR B 203 -23.15 7.13 -6.21
C TYR B 203 -22.56 6.07 -7.14
N LEU B 204 -21.44 5.52 -6.75
CA LEU B 204 -20.80 4.52 -7.56
C LEU B 204 -21.67 3.33 -7.94
N GLN B 205 -22.40 2.80 -6.97
CA GLN B 205 -23.26 1.64 -7.20
C GLN B 205 -24.43 1.96 -8.10
N CYS B 206 -24.88 3.21 -8.02
CA CYS B 206 -25.96 3.68 -8.84
C CYS B 206 -25.41 3.98 -10.23
N GLY B 207 -24.10 3.82 -10.40
CA GLY B 207 -23.49 4.03 -11.71
C GLY B 207 -22.76 5.33 -12.00
N GLY B 208 -22.50 6.13 -10.97
CA GLY B 208 -21.83 7.38 -11.20
C GLY B 208 -20.52 7.14 -11.90
N SER B 209 -20.02 8.18 -12.54
CA SER B 209 -18.76 8.13 -13.27
C SER B 209 -18.14 9.51 -13.15
N TRP B 210 -17.44 9.72 -12.04
CA TRP B 210 -16.78 10.99 -11.73
C TRP B 210 -16.13 11.68 -12.92
N ARG B 211 -15.56 10.90 -13.83
CA ARG B 211 -14.95 11.48 -15.03
C ARG B 211 -15.95 12.38 -15.79
N GLU B 212 -17.22 11.99 -15.83
CA GLU B 212 -18.23 12.79 -16.53
C GLU B 212 -18.72 13.93 -15.67
N ASP B 213 -18.83 13.66 -14.38
CA ASP B 213 -19.34 14.62 -13.44
C ASP B 213 -18.28 15.51 -12.87
N TRP B 214 -17.03 15.31 -13.28
CA TRP B 214 -15.95 16.11 -12.75
C TRP B 214 -16.28 17.58 -12.93
N GLY B 215 -16.70 17.94 -14.14
CA GLY B 215 -17.04 19.32 -14.42
C GLY B 215 -18.21 19.83 -13.61
N GLN B 216 -18.90 18.91 -12.93
CA GLN B 216 -20.02 19.31 -12.11
C GLN B 216 -19.47 19.78 -10.76
N LEU B 217 -18.15 19.73 -10.62
CA LEU B 217 -17.51 20.13 -9.36
C LEU B 217 -17.16 21.62 -9.27
N SER B 218 -16.57 22.16 -10.24
N ALA B 233 -28.73 3.72 0.22
CA ALA B 233 -29.80 3.49 -0.80
C ALA B 233 -30.50 4.80 -1.15
N GLY B 234 -31.49 4.74 -2.04
CA GLY B 234 -32.18 5.95 -2.42
C GLY B 234 -31.73 6.49 -3.77
N PRO B 235 -31.68 7.81 -3.91
CA PRO B 235 -31.27 8.41 -5.17
C PRO B 235 -29.75 8.44 -5.32
N ARG B 236 -29.30 8.89 -6.49
CA ARG B 236 -27.89 9.01 -6.77
C ARG B 236 -27.46 10.39 -6.29
N PRO B 237 -26.39 10.44 -5.49
CA PRO B 237 -25.89 11.71 -4.99
C PRO B 237 -25.06 12.45 -6.01
N HIS B 238 -25.08 13.75 -5.87
CA HIS B 238 -24.34 14.63 -6.73
C HIS B 238 -22.91 14.33 -6.43
N ILE B 239 -22.11 14.08 -7.47
CA ILE B 239 -20.69 13.81 -7.32
C ILE B 239 -20.08 14.80 -6.32
N GLY B 240 -20.59 16.02 -6.29
CA GLY B 240 -20.09 17.01 -5.37
C GLY B 240 -20.25 16.58 -3.92
N ASP B 241 -21.06 15.53 -3.70
CA ASP B 241 -21.35 14.97 -2.37
C ASP B 241 -20.62 13.69 -2.10
N THR B 242 -19.76 13.27 -3.04
CA THR B 242 -18.99 12.03 -2.87
C THR B 242 -17.55 12.36 -2.37
N LEU B 243 -16.67 11.38 -2.18
CA LEU B 243 -15.30 11.72 -1.70
C LEU B 243 -14.51 12.54 -2.71
N PHE B 244 -14.65 12.22 -3.99
CA PHE B 244 -13.97 12.95 -5.06
C PHE B 244 -13.73 14.42 -4.80
N THR B 245 -14.82 15.13 -4.55
CA THR B 245 -14.82 16.55 -4.29
C THR B 245 -13.60 17.03 -3.47
N LEU B 246 -13.13 16.21 -2.53
CA LEU B 246 -11.98 16.60 -1.73
C LEU B 246 -10.74 16.79 -2.62
N PHE B 247 -10.76 16.18 -3.82
CA PHE B 247 -9.66 16.19 -4.78
C PHE B 247 -9.72 17.17 -5.99
N ARG B 248 -10.22 18.36 -5.72
CA ARG B 248 -10.35 19.44 -6.70
C ARG B 248 -9.43 20.49 -6.12
N ALA B 249 -8.14 20.18 -6.05
CA ALA B 249 -7.24 21.13 -5.44
C ALA B 249 -6.10 21.58 -6.33
N PRO B 250 -5.73 22.85 -6.22
CA PRO B 250 -4.65 23.47 -6.99
C PRO B 250 -3.34 22.69 -7.01
N GLU B 251 -3.18 21.74 -6.09
CA GLU B 251 -1.96 20.93 -6.03
C GLU B 251 -2.10 19.84 -7.07
N LEU B 252 -3.32 19.32 -7.17
CA LEU B 252 -3.65 18.23 -8.04
C LEU B 252 -4.07 18.60 -9.48
N LEU B 253 -4.10 19.91 -9.78
CA LEU B 253 -4.51 20.43 -11.10
C LEU B 253 -3.39 20.99 -11.95
N ALA B 254 -3.50 20.75 -13.25
CA ALA B 254 -2.52 21.21 -14.24
C ALA B 254 -2.85 22.65 -14.62
N PRO B 255 -1.92 23.35 -15.32
CA PRO B 255 -2.16 24.74 -15.75
C PRO B 255 -3.40 24.89 -16.66
N ASN B 256 -3.90 23.79 -17.22
CA ASN B 256 -5.09 23.83 -18.06
C ASN B 256 -6.32 23.26 -17.31
N GLY B 257 -6.26 23.34 -15.99
CA GLY B 257 -7.34 22.92 -15.12
C GLY B 257 -7.68 21.47 -14.86
N ASP B 258 -7.43 20.56 -15.80
CA ASP B 258 -7.75 19.17 -15.54
C ASP B 258 -6.80 18.61 -14.50
N LEU B 259 -7.19 17.52 -13.86
CA LEU B 259 -6.32 16.89 -12.88
C LEU B 259 -5.15 16.25 -13.64
N TYR B 260 -4.03 16.10 -12.98
CA TYR B 260 -2.92 15.42 -13.63
C TYR B 260 -3.38 13.95 -13.74
N ASN B 261 -3.10 13.31 -14.88
CA ASN B 261 -3.45 11.91 -15.10
C ASN B 261 -3.11 11.04 -13.91
N VAL B 262 -2.00 11.34 -13.24
CA VAL B 262 -1.57 10.54 -12.08
C VAL B 262 -2.62 10.43 -11.00
N PHE B 263 -3.17 11.57 -10.61
CA PHE B 263 -4.20 11.59 -9.59
C PHE B 263 -5.52 11.06 -10.18
N ALA B 264 -5.93 11.55 -11.34
CA ALA B 264 -7.14 11.09 -11.97
C ALA B 264 -7.17 9.57 -11.88
N TRP B 265 -6.05 8.96 -12.27
CA TRP B 265 -5.88 7.51 -12.25
C TRP B 265 -6.06 6.85 -10.90
N ALA B 266 -5.78 7.59 -9.83
CA ALA B 266 -5.91 7.09 -8.46
C ALA B 266 -7.37 7.18 -8.02
N LEU B 267 -8.05 8.24 -8.46
CA LEU B 267 -9.47 8.43 -8.20
C LEU B 267 -10.17 7.24 -8.88
N ASP B 268 -9.55 6.77 -9.94
CA ASP B 268 -10.03 5.60 -10.68
C ASP B 268 -9.88 4.28 -9.91
N VAL B 269 -8.94 4.22 -8.96
CA VAL B 269 -8.75 3.02 -8.14
C VAL B 269 -9.70 3.15 -6.94
N LEU B 270 -9.77 4.34 -6.36
CA LEU B 270 -10.68 4.62 -5.24
C LEU B 270 -12.07 4.16 -5.68
N ALA B 271 -12.39 4.46 -6.93
CA ALA B 271 -13.65 4.06 -7.49
C ALA B 271 -13.79 2.55 -7.56
N LYS B 272 -12.75 1.87 -8.02
CA LYS B 272 -12.80 0.41 -8.15
C LYS B 272 -12.89 -0.27 -6.81
N ARG B 273 -12.13 0.24 -5.84
CA ARG B 273 -12.08 -0.30 -4.48
C ARG B 273 -13.45 -0.24 -3.81
N LEU B 274 -13.99 0.96 -3.70
CA LEU B 274 -15.29 1.11 -3.06
C LEU B 274 -16.48 0.48 -3.83
N ARG B 275 -16.40 0.48 -5.16
CA ARG B 275 -17.46 -0.05 -6.03
C ARG B 275 -18.08 -1.41 -5.67
N SER B 276 -17.34 -2.30 -5.02
CA SER B 276 -17.90 -3.62 -4.69
C SER B 276 -18.23 -3.84 -3.22
N MET B 277 -17.99 -2.81 -2.42
CA MET B 277 -18.26 -2.88 -1.00
C MET B 277 -19.75 -2.88 -0.69
N HIS B 278 -20.11 -3.59 0.36
CA HIS B 278 -21.50 -3.67 0.81
C HIS B 278 -21.47 -2.83 2.08
N VAL B 279 -21.89 -1.58 1.96
CA VAL B 279 -21.91 -0.64 3.09
C VAL B 279 -23.29 -0.59 3.75
N PHE B 280 -23.29 -0.54 5.09
CA PHE B 280 -24.51 -0.46 5.92
C PHE B 280 -24.31 0.57 7.04
N ILE B 281 -25.39 1.25 7.41
CA ILE B 281 -25.28 2.25 8.45
C ILE B 281 -26.02 1.78 9.69
N LEU B 282 -25.26 1.49 10.73
CA LEU B 282 -25.85 1.09 11.97
C LEU B 282 -26.04 2.40 12.70
N ASP B 283 -27.10 2.49 13.49
CA ASP B 283 -27.36 3.69 14.24
C ASP B 283 -26.76 3.50 15.63
N TYR B 284 -26.09 4.51 16.14
CA TYR B 284 -25.47 4.42 17.45
C TYR B 284 -26.06 5.31 18.52
N ASP B 285 -27.17 5.95 18.19
CA ASP B 285 -27.83 6.86 19.11
C ASP B 285 -28.78 6.04 19.99
N GLN B 286 -28.24 5.06 20.68
CA GLN B 286 -29.05 4.20 21.56
C GLN B 286 -28.20 3.47 22.59
N SER B 287 -28.84 2.50 23.25
CA SER B 287 -28.22 1.69 24.27
C SER B 287 -27.28 0.71 23.64
N PRO B 288 -26.20 0.37 24.34
CA PRO B 288 -25.24 -0.59 23.81
C PRO B 288 -25.96 -1.83 23.28
N ALA B 289 -26.97 -2.28 24.02
CA ALA B 289 -27.74 -3.47 23.68
C ALA B 289 -28.57 -3.29 22.41
N GLY B 290 -29.12 -2.09 22.25
CA GLY B 290 -29.92 -1.76 21.08
C GLY B 290 -28.99 -1.80 19.88
N CYS B 291 -27.78 -1.30 20.07
CA CYS B 291 -26.79 -1.31 19.00
C CYS B 291 -26.44 -2.73 18.63
N ARG B 292 -26.38 -3.59 19.63
CA ARG B 292 -26.05 -4.98 19.44
C ARG B 292 -27.16 -5.59 18.66
N ASP B 293 -28.38 -5.41 19.16
CA ASP B 293 -29.56 -5.97 18.50
C ASP B 293 -29.75 -5.38 17.12
N ALA B 294 -29.58 -4.06 17.00
CA ALA B 294 -29.69 -3.38 15.71
C ALA B 294 -28.64 -3.89 14.71
N LEU B 295 -27.37 -3.99 15.14
CA LEU B 295 -26.29 -4.47 14.27
C LEU B 295 -26.51 -5.91 13.92
N LEU B 296 -27.08 -6.69 14.83
CA LEU B 296 -27.35 -8.10 14.54
C LEU B 296 -28.41 -8.19 13.41
N GLN B 297 -29.45 -7.37 13.46
CA GLN B 297 -30.47 -7.41 12.40
C GLN B 297 -30.04 -6.93 11.02
N LEU B 298 -28.76 -6.56 10.89
CA LEU B 298 -28.18 -6.13 9.61
C LEU B 298 -27.30 -7.25 9.07
N THR B 299 -26.66 -7.98 9.99
CA THR B 299 -25.75 -9.08 9.67
C THR B 299 -26.44 -10.15 8.83
N SER B 300 -27.78 -10.14 8.87
CA SER B 300 -28.59 -11.09 8.13
C SER B 300 -28.75 -10.78 6.64
N GLY B 301 -28.61 -9.52 6.26
CA GLY B 301 -28.74 -9.14 4.86
C GLY B 301 -27.37 -8.87 4.28
N MET B 302 -26.35 -9.43 4.94
CA MET B 302 -24.97 -9.26 4.53
C MET B 302 -24.54 -10.50 3.77
N VAL B 303 -23.89 -10.27 2.63
CA VAL B 303 -23.36 -11.30 1.76
C VAL B 303 -22.11 -11.99 2.35
N GLN B 304 -22.14 -13.32 2.36
CA GLN B 304 -21.01 -14.14 2.83
C GLN B 304 -20.36 -14.84 1.63
N THR B 305 -19.30 -15.61 1.85
CA THR B 305 -18.63 -16.28 0.75
C THR B 305 -18.15 -17.65 1.18
N HIS B 306 -17.66 -18.45 0.24
CA HIS B 306 -17.10 -19.76 0.60
C HIS B 306 -15.64 -19.49 0.98
N VAL B 307 -14.96 -20.51 1.48
CA VAL B 307 -13.55 -20.37 1.76
C VAL B 307 -12.89 -21.06 0.57
N THR B 308 -11.60 -20.82 0.42
CA THR B 308 -10.80 -21.37 -0.65
C THR B 308 -10.32 -22.78 -0.34
N THR B 309 -9.74 -22.99 0.83
CA THR B 309 -9.32 -24.34 1.22
C THR B 309 -10.44 -24.75 2.18
N PRO B 310 -10.79 -26.05 2.24
CA PRO B 310 -11.86 -26.36 3.19
C PRO B 310 -11.37 -26.01 4.61
N GLY B 311 -10.11 -26.39 4.90
CA GLY B 311 -9.50 -26.11 6.19
C GLY B 311 -9.02 -24.68 6.32
N SER B 312 -9.80 -23.75 5.78
CA SER B 312 -9.47 -22.33 5.86
C SER B 312 -10.12 -21.73 7.06
N ILE B 313 -11.31 -22.22 7.41
CA ILE B 313 -12.05 -21.68 8.56
C ILE B 313 -11.15 -21.69 9.79
N PRO B 314 -10.50 -22.83 10.07
CA PRO B 314 -9.61 -22.94 11.25
C PRO B 314 -8.45 -21.96 11.24
N THR B 315 -7.66 -21.96 10.16
CA THR B 315 -6.51 -21.05 10.04
C THR B 315 -6.99 -19.59 10.12
N ILE B 316 -8.11 -19.28 9.47
CA ILE B 316 -8.71 -17.95 9.50
C ILE B 316 -9.11 -17.66 10.94
N CYS B 317 -9.41 -18.72 11.66
CA CYS B 317 -9.83 -18.59 13.04
C CYS B 317 -8.64 -18.32 13.95
N ASP B 318 -7.63 -19.17 13.83
CA ASP B 318 -6.41 -19.06 14.64
C ASP B 318 -5.69 -17.78 14.32
N LEU B 319 -5.93 -17.29 13.11
CA LEU B 319 -5.37 -16.05 12.61
C LEU B 319 -5.95 -14.88 13.41
N ALA B 320 -7.27 -14.85 13.51
CA ALA B 320 -7.96 -13.79 14.23
C ALA B 320 -7.66 -13.83 15.72
N ARG B 321 -7.55 -15.04 16.25
CA ARG B 321 -7.24 -15.21 17.66
C ARG B 321 -5.79 -14.81 17.97
N THR B 322 -4.89 -15.00 17.01
CA THR B 322 -3.52 -14.60 17.21
C THR B 322 -3.41 -13.07 17.15
N PHE B 323 -4.09 -12.46 16.20
CA PHE B 323 -4.06 -11.00 16.05
C PHE B 323 -4.46 -10.39 17.40
N ALA B 324 -5.62 -10.84 17.88
CA ALA B 324 -6.24 -10.39 19.12
C ALA B 324 -5.35 -10.51 20.34
N ARG B 325 -4.90 -11.73 20.57
CA ARG B 325 -4.05 -12.04 21.68
C ARG B 325 -2.77 -11.18 21.70
N GLU B 326 -2.24 -10.89 20.52
CA GLU B 326 -1.03 -10.10 20.46
C GLU B 326 -1.20 -8.60 20.22
N MET B 327 -2.23 -8.21 19.45
CA MET B 327 -2.39 -6.77 19.21
C MET B 327 -3.50 -6.07 19.96
N GLY B 328 -4.33 -6.85 20.64
CA GLY B 328 -5.42 -6.27 21.37
C GLY B 328 -4.99 -5.49 22.60
N GLU B 329 -5.77 -4.44 22.89
CA GLU B 329 -5.55 -3.55 24.03
C GLU B 329 -6.34 -2.25 23.77
#